data_4WYJ
#
_entry.id   4WYJ
#
_cell.length_a   137.566
_cell.length_b   137.566
_cell.length_c   108.939
_cell.angle_alpha   90.00
_cell.angle_beta   90.00
_cell.angle_gamma   90.00
#
_symmetry.space_group_name_H-M   'P 41 21 2'
#
loop_
_entity.id
_entity.type
_entity.pdbx_description
1 polymer 'Fiber protein'
2 non-polymer 'SULFATE ION'
3 water water
#
_entity_poly.entity_id   1
_entity_poly.type   'polypeptide(L)'
_entity_poly.pdbx_seq_one_letter_code
;MALKNNTLWTGPKPEANCIIEYGKQNPDSKLTLILVKNGGIVNGYVTLMGASDYVNTLFKNKNVSINVELYFDATGHILP
DSSSLKTDLELKYKQTADFSARGFMPSTTAYPFDLPNAGTHNENYIFGQCYYKASDGALFPLEVTVMLNKRLPDSRTSYV
MTFLWSLNAGLAPETTQATLITSPFTFSYIREDD
;
_entity_poly.pdbx_strand_id   A,B,C
#
loop_
_chem_comp.id
_chem_comp.type
_chem_comp.name
_chem_comp.formula
SO4 non-polymer 'SULFATE ION' 'O4 S -2'
#
# COMPACT_ATOMS: atom_id res chain seq x y z
N LYS A 4 -0.59 -20.17 -8.02
CA LYS A 4 -0.86 -21.01 -9.20
C LYS A 4 -0.17 -20.39 -10.46
N ASN A 5 1.20 -20.25 -10.39
CA ASN A 5 2.12 -19.61 -11.35
C ASN A 5 1.96 -18.07 -11.22
N ASN A 6 1.58 -17.60 -10.01
CA ASN A 6 1.31 -16.19 -9.77
C ASN A 6 2.36 -15.43 -8.95
N THR A 7 3.39 -16.12 -8.39
CA THR A 7 4.46 -15.47 -7.60
C THR A 7 5.85 -15.69 -8.21
N LEU A 8 6.51 -14.60 -8.65
CA LEU A 8 7.88 -14.61 -9.16
C LEU A 8 8.71 -13.90 -8.08
N TRP A 9 9.63 -14.63 -7.41
CA TRP A 9 10.40 -14.05 -6.31
C TRP A 9 11.84 -14.54 -6.17
N THR A 10 12.55 -13.93 -5.20
CA THR A 10 13.93 -14.23 -4.80
C THR A 10 14.00 -15.38 -3.78
N GLY A 11 12.87 -15.66 -3.14
CA GLY A 11 12.73 -16.56 -2.02
C GLY A 11 12.42 -15.71 -0.79
N PRO A 12 11.87 -16.33 0.29
CA PRO A 12 11.50 -15.53 1.49
C PRO A 12 12.64 -14.94 2.30
N LYS A 13 13.83 -15.54 2.20
CA LYS A 13 14.99 -15.13 2.99
C LYS A 13 16.24 -15.46 2.18
N PRO A 14 16.56 -14.70 1.11
CA PRO A 14 17.67 -15.10 0.25
C PRO A 14 19.06 -14.87 0.82
N GLU A 15 20.04 -15.63 0.30
CA GLU A 15 21.45 -15.46 0.62
C GLU A 15 21.91 -14.21 -0.15
N ALA A 16 23.10 -13.65 0.15
CA ALA A 16 23.59 -12.46 -0.54
C ALA A 16 23.49 -12.69 -2.07
N ASN A 17 22.67 -11.87 -2.74
CA ASN A 17 22.35 -12.02 -4.17
C ASN A 17 22.43 -10.72 -4.96
N CYS A 18 22.78 -9.62 -4.29
CA CYS A 18 22.77 -8.27 -4.83
C CYS A 18 24.09 -7.56 -4.60
N ILE A 19 24.48 -6.69 -5.54
CA ILE A 19 25.71 -5.89 -5.44
C ILE A 19 25.31 -4.41 -5.38
N ILE A 20 25.67 -3.73 -4.28
CA ILE A 20 25.42 -2.29 -4.03
C ILE A 20 26.68 -1.47 -4.32
N GLU A 21 27.84 -1.87 -3.77
CA GLU A 21 29.12 -1.17 -3.92
C GLU A 21 29.63 -1.27 -5.35
N TYR A 22 29.82 -0.11 -6.00
CA TYR A 22 30.33 -0.02 -7.36
C TYR A 22 31.70 -0.69 -7.45
N GLY A 23 31.86 -1.51 -8.48
CA GLY A 23 33.12 -2.19 -8.72
C GLY A 23 33.32 -3.50 -7.97
N LYS A 24 32.38 -3.88 -7.08
CA LYS A 24 32.47 -5.14 -6.35
C LYS A 24 32.03 -6.27 -7.30
N GLN A 25 32.68 -7.43 -7.20
CA GLN A 25 32.42 -8.57 -8.08
C GLN A 25 31.45 -9.60 -7.51
N ASN A 26 31.37 -9.67 -6.16
CA ASN A 26 30.52 -10.61 -5.43
C ASN A 26 29.44 -9.94 -4.61
N PRO A 27 28.26 -10.61 -4.41
CA PRO A 27 27.17 -9.99 -3.62
C PRO A 27 27.55 -9.44 -2.25
N ASP A 28 26.96 -8.28 -1.88
CA ASP A 28 27.22 -7.61 -0.61
C ASP A 28 25.93 -7.26 0.13
N SER A 29 24.80 -7.75 -0.39
CA SER A 29 23.47 -7.49 0.15
C SER A 29 22.51 -8.57 -0.28
N LYS A 30 21.38 -8.65 0.45
CA LYS A 30 20.31 -9.62 0.26
C LYS A 30 19.04 -8.88 -0.13
N LEU A 31 18.69 -8.95 -1.43
CA LEU A 31 17.47 -8.35 -1.96
C LEU A 31 16.31 -9.36 -1.93
N THR A 32 15.22 -9.00 -1.21
CA THR A 32 13.99 -9.78 -1.21
C THR A 32 13.03 -9.01 -2.11
N LEU A 33 12.67 -9.61 -3.25
CA LEU A 33 11.74 -9.05 -4.21
C LEU A 33 10.69 -10.10 -4.51
N ILE A 34 9.41 -9.74 -4.29
CA ILE A 34 8.25 -10.62 -4.52
C ILE A 34 7.29 -9.92 -5.48
N LEU A 35 7.01 -10.57 -6.61
CA LEU A 35 6.10 -10.05 -7.62
C LEU A 35 4.92 -11.00 -7.76
N VAL A 36 3.73 -10.57 -7.33
CA VAL A 36 2.52 -11.39 -7.39
C VAL A 36 1.53 -10.86 -8.43
N LYS A 37 1.09 -11.71 -9.37
CA LYS A 37 0.09 -11.38 -10.39
C LYS A 37 -1.27 -11.32 -9.70
N ASN A 38 -2.03 -10.24 -9.90
CA ASN A 38 -3.35 -10.06 -9.30
C ASN A 38 -4.15 -9.21 -10.26
N GLY A 39 -4.83 -9.87 -11.18
CA GLY A 39 -5.60 -9.24 -12.23
C GLY A 39 -4.66 -8.54 -13.20
N GLY A 40 -5.04 -7.35 -13.64
CA GLY A 40 -4.21 -6.55 -14.54
C GLY A 40 -2.99 -5.89 -13.92
N ILE A 41 -2.80 -6.02 -12.58
CA ILE A 41 -1.66 -5.42 -11.87
C ILE A 41 -0.75 -6.49 -11.25
N VAL A 42 0.50 -6.10 -10.89
CA VAL A 42 1.45 -6.91 -10.13
C VAL A 42 1.52 -6.23 -8.74
N ASN A 43 1.37 -7.04 -7.66
CA ASN A 43 1.56 -6.56 -6.29
C ASN A 43 3.02 -6.87 -5.91
N GLY A 44 3.82 -5.83 -5.72
CA GLY A 44 5.23 -5.96 -5.38
C GLY A 44 5.53 -5.73 -3.92
N TYR A 45 6.58 -6.39 -3.43
CA TYR A 45 7.11 -6.34 -2.07
C TYR A 45 8.66 -6.34 -2.17
N VAL A 46 9.31 -5.33 -1.58
CA VAL A 46 10.75 -5.23 -1.66
C VAL A 46 11.37 -4.81 -0.31
N THR A 47 12.48 -5.49 0.04
CA THR A 47 13.25 -5.22 1.24
C THR A 47 14.73 -5.49 0.91
N LEU A 48 15.66 -4.71 1.48
CA LEU A 48 17.08 -4.90 1.26
C LEU A 48 17.79 -5.05 2.62
N MET A 49 18.69 -6.03 2.76
CA MET A 49 19.47 -6.29 3.96
C MET A 49 20.95 -6.28 3.59
N GLY A 50 21.75 -5.54 4.35
CA GLY A 50 23.18 -5.46 4.10
C GLY A 50 23.93 -6.73 4.47
N ALA A 51 24.91 -7.13 3.65
CA ALA A 51 25.70 -8.34 3.87
C ALA A 51 27.22 -8.12 3.64
N SER A 52 27.72 -6.92 3.97
CA SER A 52 29.14 -6.55 3.89
C SER A 52 29.40 -5.39 4.85
N ASP A 53 30.66 -5.18 5.26
CA ASP A 53 31.02 -4.10 6.16
C ASP A 53 30.74 -2.73 5.49
N TYR A 54 30.97 -2.61 4.16
CA TYR A 54 30.68 -1.39 3.41
C TYR A 54 29.21 -1.01 3.54
N VAL A 55 28.29 -1.93 3.16
CA VAL A 55 26.85 -1.71 3.19
C VAL A 55 26.35 -1.45 4.62
N ASN A 56 26.88 -2.20 5.60
CA ASN A 56 26.49 -2.11 7.02
C ASN A 56 27.13 -0.93 7.80
N THR A 57 27.81 -0.04 7.10
CA THR A 57 28.40 1.18 7.67
C THR A 57 28.01 2.43 6.85
N LEU A 58 27.12 2.26 5.85
CA LEU A 58 26.63 3.36 5.03
C LEU A 58 25.86 4.35 5.89
N PHE A 59 25.09 3.86 6.87
CA PHE A 59 24.28 4.71 7.75
C PHE A 59 25.10 5.37 8.89
N LYS A 60 26.42 5.50 8.72
CA LYS A 60 27.28 6.27 9.62
C LYS A 60 27.29 7.70 9.06
N ASN A 61 26.68 7.90 7.86
CA ASN A 61 26.46 9.16 7.17
C ASN A 61 25.00 9.57 7.20
N LYS A 62 24.74 10.89 7.26
CA LYS A 62 23.38 11.44 7.28
C LYS A 62 22.75 11.48 5.88
N ASN A 63 23.54 11.43 4.81
CA ASN A 63 23.04 11.46 3.43
C ASN A 63 23.53 10.24 2.68
N VAL A 64 22.62 9.31 2.36
CA VAL A 64 22.93 8.07 1.66
C VAL A 64 21.88 7.78 0.58
N SER A 65 22.32 7.27 -0.59
CA SER A 65 21.48 6.83 -1.71
C SER A 65 21.85 5.39 -2.03
N ILE A 66 20.85 4.49 -2.07
CA ILE A 66 21.08 3.09 -2.39
C ILE A 66 20.32 2.77 -3.64
N ASN A 67 21.02 2.31 -4.70
CA ASN A 67 20.41 1.98 -6.00
C ASN A 67 20.48 0.52 -6.32
N VAL A 68 19.35 -0.02 -6.79
CA VAL A 68 19.20 -1.40 -7.26
C VAL A 68 18.59 -1.31 -8.66
N GLU A 69 19.31 -1.80 -9.69
CA GLU A 69 18.85 -1.80 -11.09
C GLU A 69 18.57 -3.22 -11.54
N LEU A 70 17.37 -3.47 -12.04
CA LEU A 70 17.00 -4.79 -12.54
C LEU A 70 16.62 -4.68 -14.01
N TYR A 71 17.32 -5.46 -14.86
CA TYR A 71 17.12 -5.53 -16.30
C TYR A 71 16.66 -6.92 -16.69
N PHE A 72 15.55 -6.99 -17.44
CA PHE A 72 14.93 -8.25 -17.88
C PHE A 72 14.93 -8.41 -19.39
N ASP A 73 15.04 -9.67 -19.85
CA ASP A 73 14.94 -10.01 -21.26
C ASP A 73 13.46 -10.05 -21.69
N ALA A 74 13.20 -10.42 -22.96
CA ALA A 74 11.86 -10.50 -23.57
C ALA A 74 10.87 -11.44 -22.85
N THR A 75 11.40 -12.46 -22.14
CA THR A 75 10.60 -13.44 -21.39
C THR A 75 10.66 -13.19 -19.86
N GLY A 76 10.96 -11.95 -19.48
CA GLY A 76 10.98 -11.53 -18.09
C GLY A 76 12.03 -12.16 -17.19
N HIS A 77 13.17 -12.53 -17.76
CA HIS A 77 14.28 -13.10 -16.98
C HIS A 77 15.39 -12.07 -16.74
N ILE A 78 15.92 -12.03 -15.52
CA ILE A 78 16.99 -11.14 -15.09
C ILE A 78 18.23 -11.33 -15.98
N LEU A 79 18.85 -10.22 -16.40
CA LEU A 79 20.11 -10.21 -17.14
C LEU A 79 21.14 -9.94 -16.00
N PRO A 80 21.80 -11.00 -15.46
CA PRO A 80 22.66 -10.81 -14.27
C PRO A 80 23.91 -9.98 -14.47
N ASP A 81 24.45 -9.92 -15.70
CA ASP A 81 25.67 -9.17 -15.98
C ASP A 81 25.52 -7.68 -15.70
N SER A 82 24.39 -7.11 -16.09
CA SER A 82 24.08 -5.68 -15.94
C SER A 82 23.27 -5.33 -14.68
N SER A 83 22.39 -6.25 -14.24
CA SER A 83 21.54 -6.06 -13.06
C SER A 83 22.30 -6.12 -11.73
N SER A 84 21.78 -5.41 -10.71
CA SER A 84 22.28 -5.41 -9.34
C SER A 84 22.07 -6.82 -8.75
N LEU A 85 20.91 -7.45 -9.05
CA LEU A 85 20.56 -8.81 -8.64
C LEU A 85 21.31 -9.76 -9.55
N LYS A 86 22.09 -10.65 -8.95
CA LYS A 86 23.00 -11.54 -9.67
C LYS A 86 22.46 -12.95 -9.90
N THR A 87 21.23 -13.22 -9.40
CA THR A 87 20.53 -14.50 -9.53
C THR A 87 19.11 -14.22 -10.00
N ASP A 88 18.65 -14.94 -11.04
CA ASP A 88 17.30 -14.78 -11.58
C ASP A 88 16.22 -15.11 -10.56
N LEU A 89 15.06 -14.49 -10.74
CA LEU A 89 13.90 -14.74 -9.92
C LEU A 89 13.34 -16.12 -10.31
N GLU A 90 12.54 -16.71 -9.44
CA GLU A 90 11.96 -18.04 -9.69
C GLU A 90 10.50 -18.08 -9.23
N LEU A 91 9.71 -19.00 -9.80
CA LEU A 91 8.32 -19.16 -9.39
C LEU A 91 8.25 -19.84 -8.04
N LYS A 92 7.29 -19.44 -7.17
CA LYS A 92 7.16 -20.01 -5.82
C LYS A 92 6.94 -21.51 -5.90
N TYR A 93 6.03 -21.94 -6.80
CA TYR A 93 5.71 -23.35 -6.99
C TYR A 93 6.55 -23.99 -8.11
N LYS A 94 6.29 -23.65 -9.40
CA LYS A 94 7.01 -24.21 -10.56
C LYS A 94 8.51 -23.91 -10.55
N ALA A 97 12.11 -24.35 -14.02
CA ALA A 97 12.96 -23.25 -14.48
C ALA A 97 12.69 -22.80 -15.93
N ASP A 98 12.18 -23.72 -16.80
CA ASP A 98 11.85 -23.45 -18.21
C ASP A 98 10.43 -22.84 -18.34
N PHE A 99 10.31 -21.55 -17.95
CA PHE A 99 9.07 -20.76 -17.93
C PHE A 99 9.24 -19.34 -18.52
N SER A 100 8.12 -18.66 -18.86
CA SER A 100 8.11 -17.26 -19.32
C SER A 100 7.50 -16.42 -18.22
N ALA A 101 8.19 -15.32 -17.88
CA ALA A 101 7.79 -14.41 -16.82
C ALA A 101 7.43 -13.03 -17.40
N ARG A 102 6.98 -12.99 -18.68
CA ARG A 102 6.60 -11.76 -19.37
C ARG A 102 5.43 -11.07 -18.68
N GLY A 103 4.48 -11.85 -18.17
CA GLY A 103 3.29 -11.36 -17.49
C GLY A 103 3.55 -10.65 -16.17
N PHE A 104 4.76 -10.80 -15.61
CA PHE A 104 5.16 -10.13 -14.37
C PHE A 104 5.88 -8.81 -14.67
N MET A 105 6.09 -8.47 -15.95
CA MET A 105 6.86 -7.30 -16.35
C MET A 105 6.06 -6.00 -16.38
N PRO A 106 6.69 -4.81 -16.14
CA PRO A 106 5.93 -3.55 -16.25
C PRO A 106 5.50 -3.27 -17.71
N SER A 107 4.21 -2.93 -17.92
CA SER A 107 3.63 -2.65 -19.23
C SER A 107 4.39 -1.54 -19.95
N THR A 108 4.75 -1.77 -21.22
CA THR A 108 5.42 -0.75 -22.05
C THR A 108 4.36 0.18 -22.63
N THR A 109 3.08 -0.14 -22.45
CA THR A 109 1.97 0.70 -22.89
C THR A 109 1.77 1.76 -21.82
N ALA A 110 1.64 1.35 -20.54
CA ALA A 110 1.47 2.24 -19.39
C ALA A 110 2.75 3.01 -19.06
N TYR A 111 3.91 2.31 -19.12
CA TYR A 111 5.24 2.85 -18.81
C TYR A 111 6.12 2.71 -20.07
N PRO A 112 5.99 3.70 -20.99
CA PRO A 112 6.74 3.65 -22.24
C PRO A 112 8.22 3.98 -22.06
N PHE A 113 9.02 3.82 -23.16
CA PHE A 113 10.43 4.22 -23.20
C PHE A 113 10.51 5.58 -23.88
N ASP A 114 11.29 6.53 -23.29
CA ASP A 114 11.49 7.87 -23.87
C ASP A 114 12.15 7.80 -25.23
N LEU A 115 11.83 8.77 -26.06
CA LEU A 115 12.32 8.90 -27.42
C LEU A 115 13.19 10.14 -27.48
N PRO A 116 14.37 10.08 -28.11
CA PRO A 116 15.21 11.29 -28.25
C PRO A 116 14.46 12.48 -28.84
N ASN A 117 14.52 13.64 -28.12
CA ASN A 117 13.92 14.95 -28.44
C ASN A 117 12.41 15.06 -28.16
N ALA A 118 11.78 14.00 -27.62
CA ALA A 118 10.33 13.99 -27.39
C ALA A 118 9.88 14.35 -26.00
N GLY A 119 10.79 14.40 -25.04
CA GLY A 119 10.31 14.72 -23.71
C GLY A 119 9.81 13.47 -23.01
N THR A 120 10.36 13.28 -21.80
CA THR A 120 10.24 12.15 -20.90
C THR A 120 8.83 11.77 -20.43
N HIS A 121 8.72 10.50 -20.00
CA HIS A 121 7.54 9.87 -19.44
C HIS A 121 7.68 9.87 -17.92
N ASN A 122 7.06 10.85 -17.27
CA ASN A 122 7.14 10.92 -15.82
C ASN A 122 6.14 10.00 -15.11
N GLU A 123 5.22 9.37 -15.86
CA GLU A 123 4.20 8.37 -15.44
C GLU A 123 4.91 7.08 -15.02
N ASN A 124 6.21 6.99 -15.27
CA ASN A 124 7.00 5.80 -15.02
C ASN A 124 7.48 5.66 -13.62
N TYR A 125 7.30 6.67 -12.78
CA TYR A 125 7.78 6.58 -11.40
C TYR A 125 6.71 6.24 -10.44
N ILE A 126 7.09 5.54 -9.37
CA ILE A 126 6.28 5.25 -8.19
C ILE A 126 7.15 5.81 -7.02
N PHE A 127 6.57 6.69 -6.19
CA PHE A 127 7.29 7.25 -5.04
C PHE A 127 6.56 6.83 -3.77
N GLY A 128 7.32 6.57 -2.73
CA GLY A 128 6.79 6.18 -1.44
C GLY A 128 7.79 6.31 -0.33
N GLN A 129 7.55 5.62 0.77
CA GLN A 129 8.44 5.72 1.93
C GLN A 129 8.57 4.41 2.71
N CYS A 130 9.74 4.14 3.20
CA CYS A 130 9.97 3.04 4.13
C CYS A 130 10.92 3.55 5.24
N TYR A 131 11.36 2.68 6.17
CA TYR A 131 12.14 3.17 7.29
C TYR A 131 13.33 2.33 7.59
N TYR A 132 14.30 2.92 8.30
CA TYR A 132 15.46 2.24 8.88
C TYR A 132 15.35 2.38 10.40
N LYS A 133 15.24 1.26 11.12
CA LYS A 133 15.20 1.26 12.58
C LYS A 133 16.65 1.19 13.07
N ALA A 134 17.15 2.30 13.60
CA ALA A 134 18.54 2.39 14.09
C ALA A 134 18.81 1.50 15.31
N SER A 135 20.08 1.12 15.55
CA SER A 135 20.45 0.23 16.68
C SER A 135 19.97 0.71 18.04
N ASP A 136 19.67 2.02 18.17
CA ASP A 136 19.18 2.66 19.40
C ASP A 136 17.64 2.88 19.37
N GLY A 137 17.00 2.29 18.37
CA GLY A 137 15.56 2.31 18.19
C GLY A 137 15.00 3.51 17.45
N ALA A 138 15.88 4.44 16.99
CA ALA A 138 15.42 5.64 16.30
C ALA A 138 14.93 5.22 14.95
N LEU A 139 13.87 5.85 14.51
CA LEU A 139 13.28 5.51 13.24
C LEU A 139 13.49 6.58 12.22
N PHE A 140 14.26 6.24 11.18
CA PHE A 140 14.60 7.18 10.09
C PHE A 140 13.81 6.88 8.83
N PRO A 141 13.15 7.90 8.21
CA PRO A 141 12.44 7.62 6.94
C PRO A 141 13.40 7.56 5.77
N LEU A 142 13.09 6.67 4.82
CA LEU A 142 13.80 6.49 3.57
C LEU A 142 12.83 6.80 2.45
N GLU A 143 13.18 7.75 1.59
CA GLU A 143 12.37 8.15 0.45
C GLU A 143 12.66 7.12 -0.63
N VAL A 144 11.60 6.45 -1.15
CA VAL A 144 11.73 5.40 -2.17
C VAL A 144 11.23 5.88 -3.54
N THR A 145 12.02 5.61 -4.61
CA THR A 145 11.66 5.87 -6.01
C THR A 145 11.80 4.58 -6.79
N VAL A 146 10.71 4.16 -7.48
CA VAL A 146 10.69 3.00 -8.40
C VAL A 146 10.58 3.59 -9.81
N MET A 147 11.41 3.15 -10.80
CA MET A 147 11.35 3.72 -12.15
C MET A 147 10.65 2.86 -13.23
N LEU A 148 10.86 1.56 -13.38
CA LEU A 148 10.06 0.85 -14.45
C LEU A 148 10.51 1.07 -15.97
N ASN A 149 10.03 1.98 -16.81
CA ASN A 149 10.67 1.74 -18.14
C ASN A 149 11.10 3.00 -18.84
N LYS A 150 11.91 3.82 -18.23
CA LYS A 150 12.13 5.04 -18.98
C LYS A 150 13.16 4.87 -20.08
N ARG A 151 14.25 4.16 -19.77
CA ARG A 151 15.41 3.98 -20.62
C ARG A 151 15.99 2.60 -20.47
N LEU A 152 16.49 2.04 -21.59
CA LEU A 152 17.15 0.75 -21.67
C LEU A 152 18.67 0.94 -21.48
N PRO A 153 19.37 0.04 -20.71
CA PRO A 153 20.84 0.18 -20.57
C PRO A 153 21.62 -0.24 -21.82
N ASP A 154 21.06 -1.18 -22.62
CA ASP A 154 21.69 -1.79 -23.78
C ASP A 154 20.67 -2.45 -24.75
N SER A 155 21.18 -3.09 -25.81
CA SER A 155 20.39 -3.77 -26.87
C SER A 155 19.85 -5.16 -26.49
N ARG A 156 20.19 -5.65 -25.29
CA ARG A 156 19.78 -6.97 -24.79
C ARG A 156 18.55 -6.92 -23.88
N THR A 157 18.25 -5.74 -23.32
CA THR A 157 17.16 -5.50 -22.37
C THR A 157 15.83 -5.18 -23.05
N SER A 158 14.73 -5.70 -22.46
CA SER A 158 13.35 -5.49 -22.90
C SER A 158 12.54 -4.70 -21.84
N TYR A 159 12.86 -4.91 -20.53
CA TYR A 159 12.16 -4.28 -19.38
C TYR A 159 13.12 -3.81 -18.31
N VAL A 160 12.76 -2.74 -17.60
CA VAL A 160 13.58 -2.14 -16.54
C VAL A 160 12.77 -1.96 -15.25
N MET A 161 13.38 -2.22 -14.10
CA MET A 161 12.78 -1.95 -12.80
C MET A 161 13.90 -1.53 -11.86
N THR A 162 13.94 -0.25 -11.48
CA THR A 162 14.98 0.25 -10.55
C THR A 162 14.38 0.73 -9.25
N PHE A 163 15.17 0.63 -8.16
CA PHE A 163 14.80 1.09 -6.80
C PHE A 163 15.88 2.03 -6.26
N LEU A 164 15.44 3.08 -5.62
CA LEU A 164 16.34 4.03 -4.96
C LEU A 164 15.80 4.29 -3.58
N TRP A 165 16.64 4.08 -2.56
CA TRP A 165 16.31 4.38 -1.16
C TRP A 165 17.17 5.61 -0.80
N SER A 166 16.55 6.72 -0.37
CA SER A 166 17.33 7.92 0.03
C SER A 166 17.16 8.25 1.48
N LEU A 167 18.28 8.43 2.16
CA LEU A 167 18.33 8.93 3.52
C LEU A 167 18.86 10.34 3.41
N ASN A 168 18.09 11.29 3.94
CA ASN A 168 18.46 12.71 3.93
C ASN A 168 18.09 13.29 5.29
N ALA A 169 18.86 12.86 6.29
CA ALA A 169 18.77 13.17 7.70
C ALA A 169 19.68 14.36 8.03
N GLY A 170 19.47 14.93 9.21
CA GLY A 170 20.27 16.00 9.76
C GLY A 170 21.34 15.47 10.70
N LEU A 171 21.28 14.19 10.96
CA LEU A 171 22.23 13.48 11.80
C LEU A 171 22.27 12.04 11.29
N ALA A 172 23.38 11.34 11.62
CA ALA A 172 23.59 9.96 11.19
C ALA A 172 22.85 8.96 12.07
N PRO A 173 22.19 7.95 11.46
CA PRO A 173 21.52 6.92 12.27
C PRO A 173 22.43 6.08 13.17
N GLU A 174 23.67 5.86 12.74
CA GLU A 174 24.64 5.05 13.47
C GLU A 174 26.01 5.69 13.65
N THR A 175 26.76 5.19 14.65
CA THR A 175 28.17 5.56 14.93
C THR A 175 29.03 4.30 14.79
N THR A 176 28.40 3.14 14.60
CA THR A 176 29.06 1.84 14.44
C THR A 176 28.40 1.00 13.33
N GLN A 177 28.96 -0.19 13.03
CA GLN A 177 28.41 -1.14 12.08
C GLN A 177 27.16 -1.75 12.69
N ALA A 178 26.08 -1.75 11.91
CA ALA A 178 24.78 -2.32 12.26
C ALA A 178 24.20 -2.85 10.95
N THR A 179 23.50 -4.00 10.98
CA THR A 179 22.91 -4.56 9.76
C THR A 179 21.95 -3.59 9.12
N LEU A 180 22.22 -3.21 7.86
CA LEU A 180 21.32 -2.34 7.12
C LEU A 180 20.06 -3.14 6.78
N ILE A 181 18.88 -2.62 7.09
CA ILE A 181 17.59 -3.23 6.76
C ILE A 181 16.65 -2.10 6.38
N THR A 182 16.10 -2.14 5.16
CA THR A 182 15.06 -1.18 4.74
C THR A 182 13.71 -1.88 5.05
N SER A 183 12.80 -1.28 5.87
CA SER A 183 11.52 -1.91 6.17
C SER A 183 10.71 -2.24 4.89
N PRO A 184 9.81 -3.27 4.89
CA PRO A 184 9.12 -3.64 3.63
C PRO A 184 8.39 -2.48 2.97
N PHE A 185 8.65 -2.33 1.65
CA PHE A 185 8.04 -1.35 0.78
C PHE A 185 7.17 -2.14 -0.22
N THR A 186 5.90 -1.76 -0.34
CA THR A 186 4.92 -2.36 -1.22
C THR A 186 4.48 -1.35 -2.27
N PHE A 187 4.23 -1.84 -3.48
CA PHE A 187 3.86 -1.02 -4.64
C PHE A 187 3.10 -1.90 -5.63
N SER A 188 2.40 -1.28 -6.60
CA SER A 188 1.63 -1.96 -7.64
C SER A 188 1.83 -1.27 -8.97
N TYR A 189 1.89 -2.05 -10.05
CA TYR A 189 2.03 -1.49 -11.38
C TYR A 189 1.22 -2.30 -12.40
N ILE A 190 0.84 -1.67 -13.51
CA ILE A 190 0.12 -2.31 -14.61
C ILE A 190 1.13 -3.29 -15.29
N ARG A 191 0.80 -4.59 -15.28
CA ARG A 191 1.64 -5.63 -15.87
C ARG A 191 1.42 -5.82 -17.37
N GLU A 192 2.44 -6.41 -18.03
CA GLU A 192 2.45 -6.77 -19.45
C GLU A 192 1.58 -8.02 -19.67
N ASP A 193 1.17 -8.29 -20.91
CA ASP A 193 0.36 -9.47 -21.23
C ASP A 193 1.13 -10.79 -21.03
N ASP A 194 0.50 -11.81 -20.42
CA ASP A 194 1.05 -13.14 -20.12
C ASP A 194 1.88 -13.75 -21.27
N LYS B 4 -11.44 -18.54 -3.26
CA LYS B 4 -11.78 -19.82 -2.65
C LYS B 4 -10.80 -20.15 -1.50
N ASN B 5 -11.29 -20.04 -0.23
CA ASN B 5 -10.58 -20.27 1.05
C ASN B 5 -9.42 -19.28 1.24
N ASN B 6 -9.52 -18.04 0.69
CA ASN B 6 -8.39 -17.09 0.74
C ASN B 6 -8.57 -15.83 1.61
N THR B 7 -9.68 -15.69 2.35
CA THR B 7 -9.93 -14.57 3.26
C THR B 7 -10.20 -15.04 4.71
N LEU B 8 -9.36 -14.60 5.65
CA LEU B 8 -9.51 -14.85 7.08
C LEU B 8 -9.73 -13.46 7.70
N TRP B 9 -10.89 -13.22 8.34
CA TRP B 9 -11.24 -11.90 8.87
C TRP B 9 -12.13 -11.90 10.15
N THR B 10 -12.45 -10.68 10.60
CA THR B 10 -13.31 -10.35 11.75
C THR B 10 -14.78 -10.16 11.33
N GLY B 11 -15.00 -10.03 10.03
CA GLY B 11 -16.26 -9.67 9.43
C GLY B 11 -16.11 -8.24 8.91
N PRO B 12 -17.04 -7.74 8.04
CA PRO B 12 -16.87 -6.37 7.50
C PRO B 12 -17.11 -5.20 8.45
N LYS B 13 -17.91 -5.41 9.51
CA LYS B 13 -18.34 -4.38 10.45
C LYS B 13 -18.59 -5.08 11.79
N PRO B 14 -17.51 -5.46 12.53
CA PRO B 14 -17.73 -6.25 13.76
C PRO B 14 -18.26 -5.48 14.96
N GLU B 15 -18.88 -6.20 15.90
CA GLU B 15 -19.34 -5.67 17.18
C GLU B 15 -18.05 -5.50 18.03
N ALA B 16 -18.10 -4.78 19.17
CA ALA B 16 -16.91 -4.61 20.03
C ALA B 16 -16.31 -6.00 20.29
N ASN B 17 -15.06 -6.20 19.83
CA ASN B 17 -14.35 -7.49 19.90
C ASN B 17 -12.93 -7.41 20.43
N CYS B 18 -12.47 -6.19 20.71
CA CYS B 18 -11.10 -5.86 21.07
C CYS B 18 -11.03 -5.09 22.39
N ILE B 19 -9.99 -5.34 23.23
CA ILE B 19 -9.76 -4.63 24.49
C ILE B 19 -8.48 -3.80 24.35
N ILE B 20 -8.59 -2.47 24.54
CA ILE B 20 -7.49 -1.50 24.48
C ILE B 20 -7.03 -1.12 25.90
N GLU B 21 -7.99 -0.75 26.79
CA GLU B 21 -7.69 -0.33 28.15
C GLU B 21 -7.20 -1.49 28.99
N TYR B 22 -5.97 -1.35 29.55
CA TYR B 22 -5.36 -2.36 30.39
C TYR B 22 -6.24 -2.63 31.59
N GLY B 23 -6.45 -3.91 31.87
CA GLY B 23 -7.24 -4.35 33.02
C GLY B 23 -8.72 -4.45 32.80
N LYS B 24 -9.22 -4.01 31.62
CA LYS B 24 -10.64 -4.11 31.28
C LYS B 24 -10.96 -5.57 30.94
N GLN B 25 -12.15 -6.04 31.34
CA GLN B 25 -12.55 -7.43 31.12
C GLN B 25 -13.36 -7.66 29.86
N ASN B 26 -14.10 -6.62 29.41
CA ASN B 26 -14.96 -6.69 28.22
C ASN B 26 -14.51 -5.76 27.09
N PRO B 27 -14.81 -6.12 25.80
CA PRO B 27 -14.39 -5.26 24.67
C PRO B 27 -14.77 -3.77 24.78
N ASP B 28 -13.87 -2.90 24.33
CA ASP B 28 -14.06 -1.45 24.36
C ASP B 28 -13.78 -0.82 23.00
N SER B 29 -13.58 -1.66 21.97
CA SER B 29 -13.28 -1.23 20.61
C SER B 29 -13.64 -2.32 19.61
N LYS B 30 -13.76 -1.92 18.34
CA LYS B 30 -14.10 -2.76 17.21
C LYS B 30 -12.94 -2.83 16.25
N LEU B 31 -12.23 -3.96 16.26
CA LEU B 31 -11.10 -4.21 15.37
C LEU B 31 -11.59 -4.92 14.07
N THR B 32 -11.37 -4.29 12.93
CA THR B 32 -11.61 -4.88 11.62
C THR B 32 -10.24 -5.30 11.09
N LEU B 33 -10.04 -6.61 10.96
CA LEU B 33 -8.80 -7.20 10.43
C LEU B 33 -9.19 -8.17 9.32
N ILE B 34 -8.62 -7.96 8.11
CA ILE B 34 -8.85 -8.80 6.92
C ILE B 34 -7.50 -9.27 6.39
N LEU B 35 -7.32 -10.59 6.30
CA LEU B 35 -6.10 -11.22 5.79
C LEU B 35 -6.45 -12.01 4.54
N VAL B 36 -5.94 -11.55 3.39
CA VAL B 36 -6.22 -12.21 2.10
C VAL B 36 -4.96 -12.88 1.56
N LYS B 37 -5.04 -14.18 1.23
CA LYS B 37 -3.96 -14.96 0.62
C LYS B 37 -3.86 -14.51 -0.85
N ASN B 38 -2.65 -14.13 -1.30
CA ASN B 38 -2.42 -13.69 -2.67
C ASN B 38 -1.01 -14.12 -3.05
N GLY B 39 -0.88 -15.33 -3.57
CA GLY B 39 0.42 -15.91 -3.92
C GLY B 39 1.19 -16.19 -2.65
N GLY B 40 2.49 -15.91 -2.67
CA GLY B 40 3.34 -16.11 -1.49
C GLY B 40 3.19 -15.09 -0.38
N ILE B 41 2.35 -14.05 -0.58
CA ILE B 41 2.12 -13.00 0.42
C ILE B 41 0.66 -12.98 0.93
N VAL B 42 0.43 -12.28 2.06
CA VAL B 42 -0.90 -12.00 2.62
C VAL B 42 -1.11 -10.48 2.48
N ASN B 43 -2.25 -10.08 1.89
CA ASN B 43 -2.63 -8.66 1.80
C ASN B 43 -3.54 -8.36 3.03
N GLY B 44 -3.04 -7.53 3.92
CA GLY B 44 -3.72 -7.18 5.16
C GLY B 44 -4.38 -5.82 5.10
N TYR B 45 -5.49 -5.69 5.86
CA TYR B 45 -6.33 -4.49 5.98
C TYR B 45 -6.76 -4.39 7.45
N VAL B 46 -6.43 -3.26 8.10
CA VAL B 46 -6.76 -3.08 9.50
C VAL B 46 -7.29 -1.67 9.80
N THR B 47 -8.34 -1.63 10.62
CA THR B 47 -8.98 -0.39 11.08
C THR B 47 -9.46 -0.62 12.51
N LEU B 48 -9.41 0.42 13.36
CA LEU B 48 -9.89 0.33 14.74
C LEU B 48 -10.92 1.44 15.00
N MET B 49 -12.05 1.10 15.65
CA MET B 49 -13.11 2.04 16.02
C MET B 49 -13.34 1.95 17.52
N GLY B 50 -13.33 3.08 18.21
CA GLY B 50 -13.54 3.11 19.65
C GLY B 50 -14.98 2.80 20.05
N ALA B 51 -15.16 2.03 21.14
CA ALA B 51 -16.48 1.62 21.62
C ALA B 51 -16.62 1.75 23.16
N SER B 52 -15.94 2.76 23.75
CA SER B 52 -16.00 3.09 25.17
C SER B 52 -15.62 4.55 25.36
N ASP B 53 -15.99 5.16 26.50
CA ASP B 53 -15.67 6.56 26.80
C ASP B 53 -14.16 6.73 26.92
N TYR B 54 -13.46 5.73 27.52
CA TYR B 54 -12.00 5.75 27.66
C TYR B 54 -11.31 5.88 26.29
N VAL B 55 -11.61 4.96 25.36
CA VAL B 55 -11.03 4.92 24.01
C VAL B 55 -11.39 6.18 23.20
N ASN B 56 -12.66 6.63 23.32
CA ASN B 56 -13.19 7.78 22.60
C ASN B 56 -12.80 9.16 23.20
N THR B 57 -11.90 9.17 24.21
CA THR B 57 -11.37 10.40 24.82
C THR B 57 -9.83 10.38 24.85
N LEU B 58 -9.22 9.36 24.25
CA LEU B 58 -7.77 9.26 24.18
C LEU B 58 -7.18 10.43 23.40
N PHE B 59 -7.84 10.84 22.31
CA PHE B 59 -7.39 11.94 21.45
C PHE B 59 -7.66 13.37 22.03
N LYS B 60 -7.85 13.46 23.34
CA LYS B 60 -7.92 14.74 24.06
C LYS B 60 -6.46 15.11 24.42
N ASN B 61 -5.52 14.15 24.18
CA ASN B 61 -4.08 14.26 24.36
C ASN B 61 -3.35 14.32 23.03
N LYS B 62 -2.23 15.06 22.98
CA LYS B 62 -1.45 15.22 21.75
C LYS B 62 -0.42 14.09 21.53
N ASN B 63 -0.20 13.25 22.57
CA ASN B 63 0.71 12.10 22.48
C ASN B 63 0.01 10.86 22.98
N VAL B 64 -0.34 9.94 22.07
CA VAL B 64 -1.12 8.72 22.37
C VAL B 64 -0.53 7.53 21.64
N SER B 65 -0.50 6.37 22.28
CA SER B 65 -0.08 5.09 21.72
C SER B 65 -1.21 4.07 21.92
N ILE B 66 -1.64 3.41 20.83
CA ILE B 66 -2.70 2.39 20.91
C ILE B 66 -2.09 1.08 20.46
N ASN B 67 -2.13 0.06 21.32
CA ASN B 67 -1.58 -1.26 21.04
C ASN B 67 -2.62 -2.34 20.93
N VAL B 68 -2.49 -3.18 19.91
CA VAL B 68 -3.31 -4.36 19.66
C VAL B 68 -2.32 -5.52 19.48
N GLU B 69 -2.40 -6.54 20.33
CA GLU B 69 -1.55 -7.72 20.29
C GLU B 69 -2.38 -8.95 19.88
N LEU B 70 -1.94 -9.65 18.83
CA LEU B 70 -2.60 -10.87 18.36
C LEU B 70 -1.64 -12.02 18.43
N TYR B 71 -2.04 -13.07 19.17
CA TYR B 71 -1.28 -14.31 19.37
C TYR B 71 -2.06 -15.48 18.80
N PHE B 72 -1.39 -16.28 17.95
CA PHE B 72 -1.98 -17.42 17.26
C PHE B 72 -1.31 -18.73 17.64
N ASP B 73 -2.11 -19.81 17.64
CA ASP B 73 -1.63 -21.17 17.91
C ASP B 73 -1.00 -21.74 16.60
N ALA B 74 -0.58 -23.03 16.65
CA ALA B 74 0.08 -23.71 15.53
C ALA B 74 -0.77 -23.80 14.24
N THR B 75 -2.11 -23.73 14.37
CA THR B 75 -3.03 -23.79 13.22
C THR B 75 -3.63 -22.42 12.90
N GLY B 76 -2.91 -21.35 13.27
CA GLY B 76 -3.30 -19.97 13.00
C GLY B 76 -4.58 -19.46 13.63
N HIS B 77 -4.92 -20.00 14.81
CA HIS B 77 -6.11 -19.56 15.54
C HIS B 77 -5.76 -18.64 16.69
N ILE B 78 -6.51 -17.54 16.85
CA ILE B 78 -6.35 -16.55 17.92
C ILE B 78 -6.42 -17.23 19.28
N LEU B 79 -5.50 -16.85 20.19
CA LEU B 79 -5.48 -17.29 21.59
C LEU B 79 -6.18 -16.11 22.29
N PRO B 80 -7.50 -16.21 22.59
CA PRO B 80 -8.24 -15.04 23.12
C PRO B 80 -7.86 -14.57 24.51
N ASP B 81 -7.33 -15.46 25.36
CA ASP B 81 -6.95 -15.13 26.72
C ASP B 81 -5.86 -14.04 26.77
N SER B 82 -4.87 -14.16 25.91
CA SER B 82 -3.72 -13.26 25.83
C SER B 82 -3.85 -12.15 24.77
N SER B 83 -4.54 -12.45 23.64
CA SER B 83 -4.71 -11.49 22.58
C SER B 83 -5.67 -10.36 22.94
N SER B 84 -5.51 -9.16 22.29
CA SER B 84 -6.35 -7.98 22.40
C SER B 84 -7.72 -8.34 21.81
N LEU B 85 -7.74 -9.08 20.65
CA LEU B 85 -8.94 -9.55 19.97
C LEU B 85 -9.45 -10.76 20.75
N LYS B 86 -10.72 -10.68 21.19
CA LYS B 86 -11.31 -11.67 22.06
C LYS B 86 -12.16 -12.73 21.35
N THR B 87 -12.25 -12.63 20.01
CA THR B 87 -13.02 -13.54 19.14
C THR B 87 -12.12 -13.94 17.97
N ASP B 88 -12.03 -15.25 17.68
CA ASP B 88 -11.21 -15.76 16.59
C ASP B 88 -11.68 -15.27 15.24
N LEU B 89 -10.74 -15.18 14.29
CA LEU B 89 -11.03 -14.80 12.93
C LEU B 89 -11.80 -15.96 12.26
N GLU B 90 -12.49 -15.68 11.17
CA GLU B 90 -13.25 -16.67 10.44
C GLU B 90 -13.07 -16.52 8.93
N LEU B 91 -13.23 -17.63 8.19
CA LEU B 91 -13.09 -17.65 6.73
C LEU B 91 -14.33 -17.05 6.10
N LYS B 92 -14.17 -16.28 5.00
CA LYS B 92 -15.29 -15.60 4.34
C LYS B 92 -16.42 -16.55 3.93
N TYR B 93 -16.12 -17.83 3.63
CA TYR B 93 -17.15 -18.80 3.25
C TYR B 93 -17.26 -20.00 4.21
N LYS B 94 -16.84 -19.78 5.48
CA LYS B 94 -16.78 -20.64 6.68
C LYS B 94 -17.38 -22.04 6.53
N ALA B 97 -17.10 -25.31 12.59
CA ALA B 97 -16.39 -25.01 11.34
C ALA B 97 -14.85 -25.16 11.51
N ASP B 98 -14.35 -26.43 11.42
CA ASP B 98 -12.94 -26.84 11.54
C ASP B 98 -12.12 -26.46 10.28
N PHE B 99 -10.87 -25.93 10.45
CA PHE B 99 -9.96 -25.51 9.37
C PHE B 99 -8.63 -25.02 9.95
N SER B 100 -7.51 -25.16 9.18
CA SER B 100 -6.19 -24.70 9.58
C SER B 100 -5.86 -23.41 8.86
N ALA B 101 -5.65 -22.32 9.62
CA ALA B 101 -5.34 -20.98 9.12
C ALA B 101 -3.84 -20.72 9.17
N ARG B 102 -3.02 -21.79 9.11
CA ARG B 102 -1.57 -21.71 9.14
C ARG B 102 -1.02 -20.91 7.95
N GLY B 103 -1.65 -21.07 6.78
CA GLY B 103 -1.28 -20.42 5.54
C GLY B 103 -1.47 -18.91 5.53
N PHE B 104 -2.19 -18.35 6.53
CA PHE B 104 -2.43 -16.91 6.70
C PHE B 104 -1.42 -16.29 7.67
N MET B 105 -0.57 -17.12 8.30
CA MET B 105 0.37 -16.68 9.34
C MET B 105 1.66 -16.07 8.82
N PRO B 106 2.30 -15.12 9.57
CA PRO B 106 3.60 -14.59 9.10
C PRO B 106 4.69 -15.69 9.13
N SER B 107 5.46 -15.83 8.03
CA SER B 107 6.54 -16.82 7.88
C SER B 107 7.56 -16.68 8.99
N THR B 108 7.92 -17.80 9.64
CA THR B 108 8.96 -17.82 10.68
C THR B 108 10.34 -17.90 10.02
N THR B 109 10.36 -18.07 8.67
CA THR B 109 11.61 -18.08 7.91
C THR B 109 11.97 -16.62 7.64
N ALA B 110 10.99 -15.82 7.12
CA ALA B 110 11.18 -14.42 6.81
C ALA B 110 11.23 -13.56 8.07
N TYR B 111 10.36 -13.87 9.05
CA TYR B 111 10.23 -13.16 10.32
C TYR B 111 10.46 -14.16 11.48
N PRO B 112 11.76 -14.42 11.83
CA PRO B 112 12.05 -15.41 12.89
C PRO B 112 11.84 -14.89 14.30
N PHE B 113 12.07 -15.74 15.29
CA PHE B 113 11.96 -15.34 16.70
C PHE B 113 13.36 -15.14 17.20
N ASP B 114 13.60 -14.04 17.92
CA ASP B 114 14.94 -13.76 18.45
C ASP B 114 15.32 -14.87 19.41
N LEU B 115 16.59 -15.24 19.36
CA LEU B 115 17.21 -16.27 20.19
C LEU B 115 18.21 -15.59 21.13
N PRO B 116 18.23 -15.92 22.43
CA PRO B 116 19.26 -15.32 23.33
C PRO B 116 20.69 -15.51 22.83
N ASN B 117 21.46 -14.40 22.74
CA ASN B 117 22.86 -14.29 22.27
C ASN B 117 23.04 -14.34 20.75
N ALA B 118 21.93 -14.30 19.99
CA ALA B 118 22.00 -14.37 18.54
C ALA B 118 21.60 -13.06 17.87
N GLY B 119 21.25 -12.07 18.68
CA GLY B 119 20.85 -10.78 18.17
C GLY B 119 19.44 -10.74 17.61
N THR B 120 18.86 -9.53 17.73
CA THR B 120 17.52 -9.11 17.33
C THR B 120 17.21 -9.27 15.80
N HIS B 121 15.93 -9.35 15.43
CA HIS B 121 15.46 -9.44 14.05
C HIS B 121 14.65 -8.19 13.77
N ASN B 122 15.29 -7.17 13.19
CA ASN B 122 14.63 -5.90 12.90
C ASN B 122 13.94 -5.90 11.53
N GLU B 123 13.97 -7.06 10.84
CA GLU B 123 13.30 -7.27 9.55
C GLU B 123 11.82 -7.67 9.73
N ASN B 124 11.36 -7.75 10.98
CA ASN B 124 10.03 -8.18 11.39
C ASN B 124 9.07 -7.04 11.63
N TYR B 125 9.49 -5.83 11.31
CA TYR B 125 8.65 -4.66 11.48
C TYR B 125 8.25 -4.09 10.12
N ILE B 126 7.00 -3.70 10.02
CA ILE B 126 6.42 -3.02 8.88
C ILE B 126 5.99 -1.65 9.44
N PHE B 127 6.45 -0.56 8.81
CA PHE B 127 6.09 0.78 9.27
C PHE B 127 5.31 1.47 8.16
N GLY B 128 4.32 2.24 8.54
CA GLY B 128 3.50 2.97 7.60
C GLY B 128 2.73 4.07 8.28
N GLN B 129 1.67 4.54 7.64
CA GLN B 129 0.90 5.65 8.19
C GLN B 129 -0.57 5.56 7.86
N CYS B 130 -1.42 5.96 8.80
CA CYS B 130 -2.85 6.15 8.56
C CYS B 130 -3.28 7.45 9.22
N TYR B 131 -4.57 7.78 9.23
CA TYR B 131 -4.98 9.10 9.75
C TYR B 131 -6.17 9.05 10.65
N TYR B 132 -6.33 10.11 11.46
CA TYR B 132 -7.50 10.37 12.28
C TYR B 132 -8.11 11.67 11.80
N LYS B 133 -9.37 11.64 11.35
CA LYS B 133 -10.10 12.84 10.94
C LYS B 133 -10.85 13.33 12.18
N ALA B 134 -10.40 14.48 12.73
CA ALA B 134 -10.94 15.07 13.95
C ALA B 134 -12.33 15.63 13.73
N SER B 135 -13.11 15.78 14.81
CA SER B 135 -14.48 16.29 14.73
C SER B 135 -14.61 17.63 13.99
N ASP B 136 -13.55 18.47 14.01
CA ASP B 136 -13.54 19.76 13.32
C ASP B 136 -13.10 19.64 11.85
N GLY B 137 -12.67 18.46 11.45
CA GLY B 137 -12.23 18.22 10.08
C GLY B 137 -10.73 18.18 9.86
N ALA B 138 -9.92 18.50 10.90
CA ALA B 138 -8.46 18.46 10.82
C ALA B 138 -7.98 17.02 10.71
N LEU B 139 -6.96 16.81 9.87
CA LEU B 139 -6.40 15.50 9.61
C LEU B 139 -5.08 15.29 10.30
N PHE B 140 -5.04 14.31 11.21
CA PHE B 140 -3.83 13.98 11.98
C PHE B 140 -3.22 12.67 11.53
N PRO B 141 -1.91 12.64 11.23
CA PRO B 141 -1.29 11.35 10.86
C PRO B 141 -1.02 10.49 12.08
N LEU B 142 -1.15 9.17 11.89
CA LEU B 142 -0.88 8.15 12.90
C LEU B 142 0.23 7.27 12.35
N GLU B 143 1.31 7.14 13.09
CA GLU B 143 2.47 6.35 12.70
C GLU B 143 2.13 4.93 13.10
N VAL B 144 2.19 4.00 12.13
CA VAL B 144 1.83 2.60 12.39
C VAL B 144 3.06 1.68 12.38
N THR B 145 3.17 0.80 13.38
CA THR B 145 4.19 -0.25 13.47
C THR B 145 3.50 -1.61 13.58
N VAL B 146 3.77 -2.50 12.61
CA VAL B 146 3.31 -3.87 12.63
C VAL B 146 4.59 -4.67 12.99
N MET B 147 4.53 -5.48 14.04
CA MET B 147 5.63 -6.38 14.42
C MET B 147 5.14 -7.84 14.24
N LEU B 148 5.86 -8.58 13.40
CA LEU B 148 5.57 -9.98 13.12
C LEU B 148 6.57 -10.88 13.86
N ASN B 149 6.06 -11.87 14.62
CA ASN B 149 6.79 -12.90 15.36
C ASN B 149 8.11 -12.47 15.92
N LYS B 150 8.23 -11.57 16.81
CA LYS B 150 9.70 -11.41 17.07
C LYS B 150 10.04 -12.00 18.41
N ARG B 151 9.08 -11.81 19.31
CA ARG B 151 9.11 -12.25 20.68
CA ARG B 151 9.11 -12.25 20.68
C ARG B 151 7.74 -12.85 21.00
N LEU B 152 7.74 -13.98 21.73
CA LEU B 152 6.50 -14.63 22.11
C LEU B 152 6.06 -14.12 23.47
N PRO B 153 4.75 -14.17 23.77
CA PRO B 153 4.31 -13.82 25.12
C PRO B 153 4.44 -14.97 26.12
N ASP B 154 4.31 -16.24 25.65
CA ASP B 154 4.28 -17.46 26.45
C ASP B 154 4.59 -18.74 25.64
N SER B 155 4.47 -19.89 26.28
CA SER B 155 4.73 -21.23 25.73
C SER B 155 3.60 -21.82 24.86
N ARG B 156 2.47 -21.10 24.76
CA ARG B 156 1.27 -21.52 24.01
C ARG B 156 1.19 -20.95 22.60
N THR B 157 1.92 -19.85 22.36
CA THR B 157 1.95 -19.11 21.10
C THR B 157 2.94 -19.66 20.08
N SER B 158 2.53 -19.66 18.79
CA SER B 158 3.32 -20.09 17.62
C SER B 158 3.61 -18.89 16.69
N TYR B 159 2.68 -17.91 16.59
CA TYR B 159 2.80 -16.73 15.74
C TYR B 159 2.35 -15.45 16.44
N VAL B 160 2.96 -14.32 16.09
CA VAL B 160 2.65 -13.01 16.69
C VAL B 160 2.38 -11.98 15.61
N MET B 161 1.36 -11.14 15.81
CA MET B 161 1.07 -10.00 14.96
C MET B 161 0.58 -8.85 15.84
N THR B 162 1.39 -7.80 16.01
CA THR B 162 1.00 -6.65 16.84
C THR B 162 0.87 -5.39 16.00
N PHE B 163 -0.02 -4.48 16.42
CA PHE B 163 -0.24 -3.17 15.79
C PHE B 163 -0.08 -2.07 16.82
N LEU B 164 0.56 -0.99 16.41
CA LEU B 164 0.75 0.18 17.26
C LEU B 164 0.42 1.36 16.41
N TRP B 165 -0.52 2.21 16.89
CA TRP B 165 -0.89 3.48 16.25
C TRP B 165 -0.33 4.56 17.18
N SER B 166 0.54 5.44 16.66
CA SER B 166 1.09 6.53 17.48
C SER B 166 0.65 7.87 16.95
N LEU B 167 0.12 8.68 17.86
CA LEU B 167 -0.21 10.06 17.62
C LEU B 167 0.85 10.87 18.32
N ASN B 168 1.48 11.77 17.57
CA ASN B 168 2.52 12.65 18.07
C ASN B 168 2.29 14.05 17.47
N ALA B 169 1.24 14.73 17.95
CA ALA B 169 0.83 16.03 17.41
C ALA B 169 1.27 17.22 18.23
N GLY B 170 1.26 18.40 17.62
CA GLY B 170 1.61 19.67 18.26
C GLY B 170 0.45 20.26 19.02
N LEU B 171 -0.76 19.74 18.77
CA LEU B 171 -2.00 20.13 19.44
C LEU B 171 -2.90 18.91 19.52
N ALA B 172 -3.75 18.81 20.55
CA ALA B 172 -4.65 17.67 20.69
C ALA B 172 -5.74 17.70 19.63
N PRO B 173 -6.06 16.54 18.98
CA PRO B 173 -7.13 16.54 17.96
C PRO B 173 -8.53 16.95 18.46
N GLU B 174 -8.83 16.64 19.75
CA GLU B 174 -10.14 16.88 20.36
C GLU B 174 -10.08 17.58 21.72
N THR B 175 -11.22 18.20 22.11
CA THR B 175 -11.44 18.81 23.43
C THR B 175 -12.61 18.08 24.11
N THR B 176 -13.28 17.17 23.37
CA THR B 176 -14.43 16.38 23.84
C THR B 176 -14.35 14.93 23.34
N GLN B 177 -15.33 14.09 23.75
CA GLN B 177 -15.47 12.71 23.30
C GLN B 177 -15.94 12.74 21.84
N ALA B 178 -15.25 11.95 21.01
CA ALA B 178 -15.52 11.77 19.58
C ALA B 178 -15.13 10.33 19.29
N THR B 179 -15.88 9.64 18.42
CA THR B 179 -15.58 8.25 18.08
C THR B 179 -14.19 8.13 17.48
N LEU B 180 -13.32 7.33 18.13
CA LEU B 180 -11.98 7.10 17.61
C LEU B 180 -12.11 6.20 16.38
N ILE B 181 -11.52 6.62 15.25
CA ILE B 181 -11.50 5.85 14.01
C ILE B 181 -10.14 6.05 13.40
N THR B 182 -9.38 4.95 13.18
CA THR B 182 -8.10 5.01 12.49
C THR B 182 -8.43 4.68 11.01
N SER B 183 -8.06 5.56 10.04
CA SER B 183 -8.36 5.27 8.63
C SER B 183 -7.73 3.92 8.17
N PRO B 184 -8.29 3.23 7.14
CA PRO B 184 -7.72 1.92 6.77
C PRO B 184 -6.22 1.93 6.46
N PHE B 185 -5.50 1.00 7.10
CA PHE B 185 -4.06 0.77 6.96
C PHE B 185 -3.92 -0.60 6.29
N THR B 186 -3.17 -0.64 5.18
CA THR B 186 -2.91 -1.83 4.38
C THR B 186 -1.42 -2.13 4.43
N PHE B 187 -1.09 -3.42 4.47
CA PHE B 187 0.28 -3.94 4.58
C PHE B 187 0.31 -5.36 3.95
N SER B 188 1.53 -5.85 3.66
CA SER B 188 1.76 -7.17 3.08
C SER B 188 2.92 -7.87 3.77
N TYR B 189 2.82 -9.19 3.93
CA TYR B 189 3.91 -9.97 4.52
C TYR B 189 4.02 -11.32 3.86
N ILE B 190 5.21 -11.93 3.92
CA ILE B 190 5.49 -13.27 3.41
C ILE B 190 4.76 -14.27 4.35
N ARG B 191 3.81 -15.03 3.80
CA ARG B 191 3.02 -16.01 4.55
C ARG B 191 3.70 -17.36 4.72
N GLU B 192 3.27 -18.11 5.77
CA GLU B 192 3.70 -19.46 6.10
C GLU B 192 3.07 -20.46 5.10
N ASP B 193 3.60 -21.68 5.02
CA ASP B 193 3.07 -22.73 4.13
C ASP B 193 1.68 -23.21 4.59
N ASP B 194 0.73 -23.35 3.63
CA ASP B 194 -0.66 -23.79 3.83
C ASP B 194 -0.80 -24.94 4.83
N LYS C 4 -9.31 -13.17 -14.97
CA LYS C 4 -10.31 -14.20 -14.67
C LYS C 4 -11.52 -13.53 -13.98
N ASN C 5 -12.23 -12.62 -14.72
CA ASN C 5 -13.40 -11.82 -14.29
C ASN C 5 -13.09 -10.95 -13.03
N ASN C 6 -11.79 -10.69 -12.73
CA ASN C 6 -11.42 -10.01 -11.49
C ASN C 6 -10.85 -8.59 -11.63
N THR C 7 -10.77 -8.02 -12.84
CA THR C 7 -10.26 -6.66 -13.07
C THR C 7 -11.31 -5.82 -13.81
N LEU C 8 -11.73 -4.72 -13.18
CA LEU C 8 -12.65 -3.73 -13.76
C LEU C 8 -11.81 -2.46 -13.87
N TRP C 9 -11.57 -1.98 -15.11
CA TRP C 9 -10.68 -0.84 -15.31
C TRP C 9 -11.02 0.08 -16.49
N THR C 10 -10.28 1.20 -16.61
CA THR C 10 -10.36 2.24 -17.65
C THR C 10 -9.53 1.87 -18.89
N GLY C 11 -8.59 0.97 -18.68
CA GLY C 11 -7.58 0.54 -19.64
C GLY C 11 -6.25 1.00 -19.10
N PRO C 12 -5.12 0.46 -19.64
CA PRO C 12 -3.77 0.84 -19.12
C PRO C 12 -3.27 2.25 -19.41
N LYS C 13 -3.78 2.87 -20.48
CA LYS C 13 -3.36 4.19 -20.92
C LYS C 13 -4.58 4.81 -21.65
N PRO C 14 -5.60 5.28 -20.90
CA PRO C 14 -6.82 5.77 -21.59
C PRO C 14 -6.69 7.14 -22.24
N GLU C 15 -7.57 7.40 -23.23
CA GLU C 15 -7.72 8.69 -23.90
C GLU C 15 -8.41 9.60 -22.87
N ALA C 16 -8.45 10.94 -23.10
CA ALA C 16 -9.13 11.86 -22.17
C ALA C 16 -10.56 11.34 -21.93
N ASN C 17 -10.86 11.00 -20.67
CA ASN C 17 -12.14 10.36 -20.27
C ASN C 17 -12.80 10.97 -19.07
N CYS C 18 -12.13 11.95 -18.45
CA CYS C 18 -12.51 12.57 -17.18
C CYS C 18 -12.58 14.09 -17.32
N ILE C 19 -13.57 14.76 -16.67
CA ILE C 19 -13.74 16.21 -16.65
C ILE C 19 -13.41 16.74 -15.24
N ILE C 20 -12.42 17.64 -15.14
CA ILE C 20 -11.97 18.29 -13.91
C ILE C 20 -12.57 19.71 -13.77
N GLU C 21 -12.45 20.53 -14.83
CA GLU C 21 -12.94 21.90 -14.83
C GLU C 21 -14.45 21.96 -14.80
N TYR C 22 -15.01 22.64 -13.76
CA TYR C 22 -16.45 22.83 -13.62
C TYR C 22 -17.02 23.55 -14.84
N GLY C 23 -18.13 23.03 -15.34
CA GLY C 23 -18.81 23.61 -16.49
C GLY C 23 -18.31 23.16 -17.86
N LYS C 24 -17.19 22.39 -17.91
CA LYS C 24 -16.66 21.90 -19.18
C LYS C 24 -17.52 20.73 -19.65
N GLN C 25 -17.75 20.63 -20.96
CA GLN C 25 -18.62 19.59 -21.53
C GLN C 25 -17.88 18.36 -22.01
N ASN C 26 -16.60 18.52 -22.39
CA ASN C 26 -15.74 17.46 -22.92
C ASN C 26 -14.54 17.12 -22.02
N PRO C 27 -14.05 15.85 -22.03
CA PRO C 27 -12.89 15.49 -21.19
C PRO C 27 -11.67 16.39 -21.30
N ASP C 28 -10.99 16.63 -20.15
CA ASP C 28 -9.81 17.48 -20.05
C ASP C 28 -8.68 16.78 -19.29
N SER C 29 -8.88 15.50 -18.98
CA SER C 29 -7.91 14.69 -18.24
C SER C 29 -8.13 13.21 -18.53
N LYS C 30 -7.09 12.41 -18.23
CA LYS C 30 -7.04 10.97 -18.41
C LYS C 30 -6.94 10.28 -17.06
N LEU C 31 -8.05 9.70 -16.61
CA LEU C 31 -8.11 8.95 -15.36
C LEU C 31 -7.83 7.46 -15.60
N THR C 32 -6.78 6.92 -14.95
CA THR C 32 -6.47 5.49 -14.98
C THR C 32 -6.94 4.96 -13.64
N LEU C 33 -7.97 4.11 -13.65
CA LEU C 33 -8.53 3.47 -12.48
C LEU C 33 -8.59 1.96 -12.74
N ILE C 34 -7.97 1.18 -11.84
CA ILE C 34 -7.94 -0.29 -11.91
C ILE C 34 -8.47 -0.86 -10.58
N LEU C 35 -9.54 -1.65 -10.66
CA LEU C 35 -10.16 -2.29 -9.49
C LEU C 35 -10.03 -3.80 -9.63
N VAL C 36 -9.23 -4.42 -8.76
CA VAL C 36 -8.98 -5.86 -8.81
C VAL C 36 -9.61 -6.58 -7.61
N LYS C 37 -10.45 -7.58 -7.85
CA LYS C 37 -11.06 -8.43 -6.82
C LYS C 37 -9.96 -9.34 -6.26
N ASN C 38 -9.83 -9.38 -4.94
CA ASN C 38 -8.82 -10.21 -4.27
C ASN C 38 -9.40 -10.62 -2.93
N GLY C 39 -10.11 -11.73 -2.90
CA GLY C 39 -10.81 -12.20 -1.71
C GLY C 39 -11.95 -11.24 -1.37
N GLY C 40 -12.15 -10.96 -0.08
CA GLY C 40 -13.18 -10.04 0.37
C GLY C 40 -12.89 -8.56 0.14
N ILE C 41 -11.69 -8.21 -0.40
CA ILE C 41 -11.31 -6.82 -0.66
C ILE C 41 -11.11 -6.55 -2.17
N VAL C 42 -11.09 -5.26 -2.56
CA VAL C 42 -10.76 -4.79 -3.91
C VAL C 42 -9.44 -4.05 -3.78
N ASN C 43 -8.42 -4.41 -4.60
CA ASN C 43 -7.14 -3.70 -4.67
C ASN C 43 -7.24 -2.64 -5.78
N GLY C 44 -7.22 -1.37 -5.37
CA GLY C 44 -7.35 -0.25 -6.29
C GLY C 44 -6.04 0.41 -6.64
N TYR C 45 -5.98 0.99 -7.85
CA TYR C 45 -4.83 1.70 -8.43
C TYR C 45 -5.39 2.92 -9.20
N VAL C 46 -4.94 4.12 -8.85
CA VAL C 46 -5.45 5.33 -9.51
C VAL C 46 -4.30 6.34 -9.80
N THR C 47 -4.38 6.92 -11.00
CA THR C 47 -3.46 7.95 -11.47
C THR C 47 -4.27 8.92 -12.36
N LEU C 48 -3.93 10.21 -12.34
CA LEU C 48 -4.59 11.21 -13.19
C LEU C 48 -3.54 11.98 -14.01
N MET C 49 -3.81 12.18 -15.31
CA MET C 49 -2.92 12.93 -16.22
C MET C 49 -3.73 14.04 -16.87
N GLY C 50 -3.20 15.26 -16.85
CA GLY C 50 -3.88 16.42 -17.44
C GLY C 50 -3.89 16.38 -18.96
N ALA C 51 -5.02 16.79 -19.57
CA ALA C 51 -5.19 16.79 -21.02
C ALA C 51 -5.86 18.07 -21.55
N SER C 52 -5.59 19.21 -20.89
CA SER C 52 -6.06 20.56 -21.28
C SER C 52 -5.13 21.61 -20.69
N ASP C 53 -5.14 22.83 -21.24
CA ASP C 53 -4.32 23.92 -20.75
C ASP C 53 -4.73 24.29 -19.33
N TYR C 54 -6.06 24.26 -19.03
CA TYR C 54 -6.57 24.55 -17.69
C TYR C 54 -5.96 23.61 -16.64
N VAL C 55 -6.10 22.27 -16.84
CA VAL C 55 -5.58 21.25 -15.92
C VAL C 55 -4.04 21.30 -15.81
N ASN C 56 -3.36 21.52 -16.94
CA ASN C 56 -1.90 21.57 -17.01
C ASN C 56 -1.28 22.91 -16.56
N THR C 57 -2.09 23.82 -15.98
CA THR C 57 -1.63 25.09 -15.41
C THR C 57 -2.16 25.27 -13.97
N LEU C 58 -2.83 24.26 -13.43
CA LEU C 58 -3.34 24.28 -12.07
C LEU C 58 -2.19 24.40 -11.08
N PHE C 59 -1.06 23.70 -11.33
CA PHE C 59 0.11 23.71 -10.45
C PHE C 59 0.98 24.99 -10.57
N LYS C 60 0.40 26.09 -11.10
CA LYS C 60 1.05 27.39 -11.09
C LYS C 60 0.68 28.06 -9.75
N ASN C 61 -0.25 27.42 -9.00
CA ASN C 61 -0.73 27.80 -7.67
C ASN C 61 -0.21 26.85 -6.61
N LYS C 62 0.04 27.41 -5.40
CA LYS C 62 0.55 26.68 -4.24
C LYS C 62 -0.53 25.89 -3.48
N ASN C 63 -1.82 26.21 -3.71
CA ASN C 63 -2.95 25.54 -3.07
C ASN C 63 -3.94 25.09 -4.16
N VAL C 64 -4.03 23.77 -4.39
CA VAL C 64 -4.88 23.20 -5.43
C VAL C 64 -5.59 21.96 -4.89
N SER C 65 -6.88 21.80 -5.26
CA SER C 65 -7.71 20.65 -4.93
C SER C 65 -8.27 20.09 -6.25
N ILE C 66 -8.06 18.80 -6.51
CA ILE C 66 -8.56 18.14 -7.72
C ILE C 66 -9.55 17.07 -7.28
N ASN C 67 -10.81 17.18 -7.74
CA ASN C 67 -11.88 16.25 -7.38
C ASN C 67 -12.36 15.43 -8.54
N VAL C 68 -12.52 14.13 -8.31
CA VAL C 68 -13.05 13.16 -9.27
C VAL C 68 -14.17 12.43 -8.51
N GLU C 69 -15.41 12.51 -9.03
CA GLU C 69 -16.59 11.87 -8.43
C GLU C 69 -17.08 10.74 -9.34
N LEU C 70 -17.23 9.54 -8.79
CA LEU C 70 -17.72 8.38 -9.54
C LEU C 70 -18.95 7.85 -8.87
N TYR C 71 -20.05 7.80 -9.64
CA TYR C 71 -21.37 7.32 -9.21
C TYR C 71 -21.75 6.09 -10.02
N PHE C 72 -22.12 5.01 -9.33
CA PHE C 72 -22.46 3.72 -9.91
C PHE C 72 -23.91 3.31 -9.65
N ASP C 73 -24.50 2.61 -10.61
CA ASP C 73 -25.84 2.06 -10.49
C ASP C 73 -25.80 0.76 -9.66
N ALA C 74 -26.95 0.08 -9.51
CA ALA C 74 -27.08 -1.16 -8.72
C ALA C 74 -26.19 -2.33 -9.19
N THR C 75 -25.78 -2.34 -10.47
CA THR C 75 -24.94 -3.38 -11.06
C THR C 75 -23.50 -2.89 -11.27
N GLY C 76 -23.10 -1.88 -10.51
CA GLY C 76 -21.75 -1.33 -10.54
C GLY C 76 -21.30 -0.67 -11.81
N HIS C 77 -22.24 -0.07 -12.56
CA HIS C 77 -21.92 0.65 -13.79
C HIS C 77 -21.93 2.16 -13.57
N ILE C 78 -20.91 2.86 -14.13
CA ILE C 78 -20.78 4.31 -14.06
C ILE C 78 -22.03 5.00 -14.62
N LEU C 79 -22.51 6.04 -13.92
CA LEU C 79 -23.61 6.91 -14.35
C LEU C 79 -22.83 8.11 -14.97
N PRO C 80 -22.64 8.15 -16.32
CA PRO C 80 -21.77 9.18 -16.92
C PRO C 80 -22.24 10.61 -16.85
N ASP C 81 -23.56 10.83 -16.75
CA ASP C 81 -24.14 12.17 -16.69
C ASP C 81 -23.65 12.94 -15.46
N SER C 82 -23.61 12.29 -14.31
CA SER C 82 -23.22 12.87 -13.03
C SER C 82 -21.73 12.67 -12.66
N SER C 83 -21.11 11.59 -13.13
CA SER C 83 -19.73 11.28 -12.77
C SER C 83 -18.72 12.10 -13.55
N SER C 84 -17.51 12.27 -12.97
CA SER C 84 -16.37 12.95 -13.58
C SER C 84 -15.89 12.11 -14.76
N LEU C 85 -15.91 10.76 -14.61
CA LEU C 85 -15.55 9.78 -15.64
C LEU C 85 -16.74 9.66 -16.57
N LYS C 86 -16.49 9.92 -17.86
CA LYS C 86 -17.55 9.98 -18.88
C LYS C 86 -17.72 8.70 -19.68
N THR C 87 -16.91 7.67 -19.39
CA THR C 87 -16.93 6.37 -20.05
C THR C 87 -16.92 5.29 -18.98
N ASP C 88 -17.83 4.30 -19.10
CA ASP C 88 -17.91 3.20 -18.12
C ASP C 88 -16.65 2.36 -18.09
N LEU C 89 -16.39 1.75 -16.92
CA LEU C 89 -15.26 0.85 -16.75
C LEU C 89 -15.57 -0.45 -17.51
N GLU C 90 -14.54 -1.23 -17.81
CA GLU C 90 -14.70 -2.48 -18.53
C GLU C 90 -13.87 -3.59 -17.94
N LEU C 91 -14.33 -4.85 -18.10
CA LEU C 91 -13.58 -6.02 -17.64
C LEU C 91 -12.40 -6.25 -18.57
N LYS C 92 -11.27 -6.80 -18.07
CA LYS C 92 -10.06 -7.02 -18.87
C LYS C 92 -10.31 -7.87 -20.11
N TYR C 93 -11.38 -8.71 -20.05
CA TYR C 93 -11.85 -9.58 -21.14
C TYR C 93 -13.38 -9.46 -21.26
N LYS C 94 -13.86 -8.89 -22.38
CA LYS C 94 -15.27 -8.66 -22.75
C LYS C 94 -16.29 -9.65 -22.15
N ASP C 98 -24.54 -7.50 -21.13
CA ASP C 98 -23.28 -7.47 -20.39
C ASP C 98 -23.33 -8.28 -19.06
N PHE C 99 -22.52 -7.88 -18.05
CA PHE C 99 -22.45 -8.53 -16.74
C PHE C 99 -22.35 -7.55 -15.56
N SER C 100 -22.71 -8.03 -14.36
CA SER C 100 -22.74 -7.25 -13.12
C SER C 100 -21.36 -6.98 -12.54
N ALA C 101 -21.08 -5.70 -12.26
CA ALA C 101 -19.84 -5.27 -11.60
C ALA C 101 -20.14 -4.90 -10.14
N ARG C 102 -21.19 -5.50 -9.56
CA ARG C 102 -21.60 -5.27 -8.18
C ARG C 102 -20.50 -5.69 -7.19
N GLY C 103 -19.83 -6.80 -7.48
CA GLY C 103 -18.74 -7.38 -6.68
C GLY C 103 -17.51 -6.49 -6.56
N PHE C 104 -17.37 -5.45 -7.42
CA PHE C 104 -16.27 -4.48 -7.38
C PHE C 104 -16.62 -3.21 -6.59
N MET C 105 -17.87 -3.11 -6.10
CA MET C 105 -18.38 -1.93 -5.42
C MET C 105 -18.01 -1.84 -3.94
N PRO C 106 -17.88 -0.62 -3.35
CA PRO C 106 -17.61 -0.56 -1.91
C PRO C 106 -18.81 -1.05 -1.09
N SER C 107 -18.58 -1.93 -0.09
CA SER C 107 -19.60 -2.51 0.79
C SER C 107 -20.41 -1.44 1.49
N THR C 108 -21.75 -1.53 1.44
CA THR C 108 -22.63 -0.59 2.13
C THR C 108 -22.76 -1.01 3.60
N THR C 109 -22.20 -2.18 3.95
CA THR C 109 -22.20 -2.66 5.32
C THR C 109 -21.02 -1.98 6.02
N ALA C 110 -19.82 -2.07 5.41
CA ALA C 110 -18.60 -1.48 5.95
C ALA C 110 -18.61 0.06 5.82
N TYR C 111 -19.10 0.56 4.67
CA TYR C 111 -19.18 1.98 4.32
C TYR C 111 -20.65 2.37 4.07
N PRO C 112 -21.43 2.57 5.17
CA PRO C 112 -22.86 2.89 5.01
C PRO C 112 -23.07 4.32 4.53
N PHE C 113 -24.35 4.66 4.34
CA PHE C 113 -24.80 5.99 3.95
C PHE C 113 -25.24 6.70 5.21
N ASP C 114 -24.78 7.96 5.41
CA ASP C 114 -25.20 8.72 6.57
C ASP C 114 -26.71 8.90 6.52
N LEU C 115 -27.37 8.64 7.65
CA LEU C 115 -28.84 8.78 7.81
C LEU C 115 -29.14 10.11 8.53
N PRO C 116 -30.19 10.88 8.12
CA PRO C 116 -30.48 12.19 8.71
C PRO C 116 -30.19 12.43 10.20
N ASN C 117 -30.90 11.82 11.15
CA ASN C 117 -30.54 12.20 12.52
C ASN C 117 -29.28 11.47 13.01
N ALA C 118 -28.60 12.10 13.94
CA ALA C 118 -27.28 11.68 14.44
C ALA C 118 -26.49 10.67 13.54
N GLY C 119 -25.25 11.06 13.25
CA GLY C 119 -24.33 10.21 12.53
C GLY C 119 -23.70 10.74 11.26
N THR C 120 -22.34 10.64 11.24
CA THR C 120 -21.42 10.74 10.12
C THR C 120 -20.63 9.42 10.19
N HIS C 121 -20.38 8.79 9.03
CA HIS C 121 -19.64 7.54 8.93
C HIS C 121 -18.24 7.90 8.46
N ASN C 122 -17.41 8.34 9.42
CA ASN C 122 -16.03 8.74 9.12
C ASN C 122 -15.12 7.54 8.83
N GLU C 123 -15.67 6.33 8.89
CA GLU C 123 -15.00 5.07 8.57
C GLU C 123 -14.98 4.84 7.07
N ASN C 124 -15.63 5.74 6.30
CA ASN C 124 -15.81 5.71 4.85
C ASN C 124 -14.70 6.40 4.09
N TYR C 125 -13.72 6.96 4.82
CA TYR C 125 -12.58 7.64 4.23
C TYR C 125 -11.31 6.85 4.27
N ILE C 126 -10.56 6.88 3.17
CA ILE C 126 -9.22 6.31 3.05
C ILE C 126 -8.34 7.52 2.76
N PHE C 127 -7.29 7.72 3.58
CA PHE C 127 -6.34 8.83 3.39
C PHE C 127 -4.97 8.26 3.08
N GLY C 128 -4.25 8.93 2.22
CA GLY C 128 -2.90 8.52 1.86
C GLY C 128 -2.17 9.63 1.16
N GLN C 129 -1.12 9.27 0.45
CA GLN C 129 -0.30 10.27 -0.22
C GLN C 129 0.28 9.79 -1.56
N CYS C 130 0.34 10.70 -2.52
CA CYS C 130 1.06 10.47 -3.77
C CYS C 130 1.85 11.71 -4.11
N TYR C 131 2.51 11.79 -5.27
CA TYR C 131 3.40 12.93 -5.54
C TYR C 131 3.26 13.48 -6.91
N TYR C 132 3.68 14.74 -7.08
CA TYR C 132 3.81 15.43 -8.36
C TYR C 132 5.29 15.76 -8.54
N LYS C 133 5.92 15.24 -9.62
CA LYS C 133 7.32 15.57 -9.95
C LYS C 133 7.27 16.78 -10.88
N ALA C 134 7.65 17.94 -10.35
CA ALA C 134 7.67 19.21 -11.07
C ALA C 134 8.70 19.21 -12.21
N SER C 135 8.55 20.14 -13.18
CA SER C 135 9.45 20.22 -14.33
C SER C 135 10.93 20.48 -13.94
N ASP C 136 11.16 21.14 -12.77
CA ASP C 136 12.48 21.42 -12.23
C ASP C 136 13.06 20.23 -11.45
N GLY C 137 12.27 19.16 -11.29
CA GLY C 137 12.69 17.94 -10.61
C GLY C 137 12.31 17.80 -9.14
N ALA C 138 11.77 18.89 -8.52
CA ALA C 138 11.31 18.90 -7.12
C ALA C 138 10.07 18.05 -7.00
N LEU C 139 9.99 17.32 -5.91
CA LEU C 139 8.92 16.41 -5.61
C LEU C 139 7.97 16.98 -4.58
N PHE C 140 6.70 17.16 -4.98
CA PHE C 140 5.66 17.70 -4.11
C PHE C 140 4.69 16.65 -3.67
N PRO C 141 4.41 16.52 -2.35
CA PRO C 141 3.40 15.53 -1.92
C PRO C 141 1.98 16.04 -2.17
N LEU C 142 1.09 15.10 -2.48
CA LEU C 142 -0.33 15.34 -2.71
C LEU C 142 -1.07 14.50 -1.70
N GLU C 143 -1.90 15.14 -0.88
CA GLU C 143 -2.67 14.48 0.16
C GLU C 143 -3.89 13.93 -0.55
N VAL C 144 -4.12 12.59 -0.45
CA VAL C 144 -5.23 11.93 -1.13
C VAL C 144 -6.32 11.52 -0.15
N THR C 145 -7.59 11.82 -0.50
CA THR C 145 -8.79 11.38 0.23
C THR C 145 -9.70 10.60 -0.71
N VAL C 146 -10.08 9.39 -0.31
CA VAL C 146 -11.04 8.55 -1.02
C VAL C 146 -12.29 8.47 -0.11
N MET C 147 -13.46 8.78 -0.66
CA MET C 147 -14.70 8.66 0.09
C MET C 147 -15.50 7.60 -0.57
N LEU C 148 -15.92 6.63 0.22
CA LEU C 148 -16.73 5.50 -0.27
C LEU C 148 -18.11 5.69 0.30
N ASN C 149 -19.12 5.64 -0.58
CA ASN C 149 -20.53 5.76 -0.22
C ASN C 149 -20.80 7.05 0.60
N LYS C 150 -21.27 6.96 1.88
CA LYS C 150 -21.50 8.08 2.81
C LYS C 150 -22.67 9.02 2.41
N ARG C 151 -22.71 9.55 1.16
CA ARG C 151 -23.79 10.41 0.67
C ARG C 151 -24.01 10.21 -0.82
N LEU C 152 -25.28 10.09 -1.25
CA LEU C 152 -25.67 9.89 -2.64
C LEU C 152 -25.93 11.23 -3.30
N PRO C 153 -25.57 11.42 -4.60
CA PRO C 153 -25.87 12.70 -5.26
C PRO C 153 -27.35 12.83 -5.63
N ASP C 154 -28.04 11.69 -5.88
CA ASP C 154 -29.41 11.64 -6.38
C ASP C 154 -30.07 10.25 -6.17
N SER C 155 -31.30 10.10 -6.66
CA SER C 155 -32.13 8.88 -6.56
C SER C 155 -31.76 7.74 -7.53
N ARG C 156 -30.80 7.98 -8.44
CA ARG C 156 -30.36 7.03 -9.47
C ARG C 156 -29.10 6.22 -9.06
N THR C 157 -28.34 6.76 -8.07
CA THR C 157 -27.09 6.19 -7.58
C THR C 157 -27.28 5.14 -6.50
N SER C 158 -26.43 4.09 -6.51
CA SER C 158 -26.41 3.00 -5.53
C SER C 158 -25.06 3.00 -4.76
N TYR C 159 -23.94 3.39 -5.42
CA TYR C 159 -22.59 3.41 -4.84
C TYR C 159 -21.84 4.68 -5.23
N VAL C 160 -20.93 5.14 -4.34
CA VAL C 160 -20.13 6.35 -4.55
C VAL C 160 -18.64 6.05 -4.31
N MET C 161 -17.77 6.62 -5.16
CA MET C 161 -16.32 6.56 -4.98
C MET C 161 -15.74 7.87 -5.48
N THR C 162 -15.27 8.72 -4.55
CA THR C 162 -14.68 10.01 -4.89
C THR C 162 -13.18 10.05 -4.55
N PHE C 163 -12.41 10.82 -5.32
CA PHE C 163 -10.97 11.07 -5.11
C PHE C 163 -10.72 12.55 -5.03
N LEU C 164 -9.86 12.93 -4.07
CA LEU C 164 -9.42 14.31 -3.92
C LEU C 164 -7.92 14.29 -3.78
N TRP C 165 -7.22 15.04 -4.62
CA TRP C 165 -5.76 15.24 -4.55
C TRP C 165 -5.57 16.69 -4.06
N SER C 166 -4.86 16.89 -2.92
CA SER C 166 -4.63 18.25 -2.40
C SER C 166 -3.17 18.60 -2.38
N LEU C 167 -2.87 19.75 -2.98
CA LEU C 167 -1.56 20.35 -2.94
C LEU C 167 -1.66 21.54 -1.99
N ASN C 168 -0.81 21.56 -0.99
CA ASN C 168 -0.76 22.65 -0.02
C ASN C 168 0.72 22.97 0.26
N ALA C 169 1.36 23.58 -0.74
CA ALA C 169 2.76 23.91 -0.68
C ALA C 169 3.08 25.35 -0.27
N GLY C 170 4.32 25.57 0.13
CA GLY C 170 4.82 26.89 0.50
C GLY C 170 5.13 27.70 -0.75
N LEU C 171 5.35 27.00 -1.87
CA LEU C 171 5.65 27.59 -3.16
C LEU C 171 5.01 26.78 -4.28
N ALA C 172 4.69 27.44 -5.40
CA ALA C 172 4.06 26.76 -6.52
C ALA C 172 5.03 25.83 -7.22
N PRO C 173 4.59 24.60 -7.59
CA PRO C 173 5.49 23.68 -8.32
C PRO C 173 5.98 24.18 -9.69
N GLU C 174 5.13 24.98 -10.39
CA GLU C 174 5.42 25.46 -11.74
C GLU C 174 5.21 26.96 -11.93
N THR C 175 5.85 27.51 -12.99
CA THR C 175 5.70 28.91 -13.44
C THR C 175 5.14 28.89 -14.86
N THR C 176 5.04 27.69 -15.47
CA THR C 176 4.55 27.47 -16.84
C THR C 176 3.67 26.24 -16.92
N GLN C 177 3.11 25.96 -18.10
CA GLN C 177 2.31 24.78 -18.40
C GLN C 177 3.26 23.55 -18.43
N ALA C 178 2.88 22.51 -17.69
CA ALA C 178 3.58 21.24 -17.61
C ALA C 178 2.48 20.19 -17.44
N THR C 179 2.63 19.00 -18.07
CA THR C 179 1.62 17.94 -17.94
C THR C 179 1.43 17.55 -16.49
N LEU C 180 0.18 17.69 -16.01
CA LEU C 180 -0.16 17.30 -14.65
C LEU C 180 -0.16 15.75 -14.60
N ILE C 181 0.59 15.16 -13.66
CA ILE C 181 0.64 13.70 -13.46
C ILE C 181 0.70 13.47 -11.96
N THR C 182 -0.26 12.73 -11.42
CA THR C 182 -0.28 12.34 -9.99
C THR C 182 0.35 10.94 -9.94
N SER C 183 1.43 10.71 -9.17
CA SER C 183 2.07 9.38 -9.12
C SER C 183 1.06 8.29 -8.67
N PRO C 184 1.24 6.99 -9.06
CA PRO C 184 0.24 5.97 -8.68
C PRO C 184 -0.05 5.91 -7.18
N PHE C 185 -1.35 5.93 -6.86
CA PHE C 185 -1.92 5.81 -5.53
C PHE C 185 -2.69 4.47 -5.48
N THR C 186 -2.36 3.65 -4.48
CA THR C 186 -2.96 2.33 -4.26
C THR C 186 -3.70 2.35 -2.94
N PHE C 187 -4.85 1.66 -2.91
CA PHE C 187 -5.75 1.59 -1.75
C PHE C 187 -6.55 0.29 -1.83
N SER C 188 -7.18 -0.12 -0.71
CA SER C 188 -7.99 -1.32 -0.61
C SER C 188 -9.27 -1.04 0.19
N TYR C 189 -10.36 -1.69 -0.19
CA TYR C 189 -11.61 -1.54 0.53
C TYR C 189 -12.37 -2.86 0.56
N ILE C 190 -13.25 -3.02 1.56
CA ILE C 190 -14.14 -4.18 1.69
C ILE C 190 -15.17 -4.08 0.54
N ARG C 191 -15.21 -5.08 -0.35
CA ARG C 191 -16.14 -5.11 -1.50
C ARG C 191 -17.50 -5.68 -1.17
N GLU C 192 -18.50 -5.31 -1.99
CA GLU C 192 -19.88 -5.79 -1.95
C GLU C 192 -19.95 -7.25 -2.47
N ASP C 193 -21.04 -7.97 -2.17
CA ASP C 193 -21.22 -9.36 -2.63
C ASP C 193 -21.41 -9.42 -4.16
N ASP C 194 -20.73 -10.39 -4.83
CA ASP C 194 -20.77 -10.64 -6.27
C ASP C 194 -22.18 -10.56 -6.90
S SO4 D . 33.52 -6.07 3.04
O1 SO4 D . 33.17 -7.05 1.98
O2 SO4 D . 34.98 -5.93 3.18
O3 SO4 D . 32.97 -4.76 2.69
O4 SO4 D . 32.96 -6.59 4.31
S SO4 E . 32.71 0.01 13.53
O1 SO4 E . 32.11 0.05 12.19
O2 SO4 E . 34.14 -0.22 13.33
O3 SO4 E . 32.50 1.30 14.23
O4 SO4 E . 32.11 -1.08 14.34
S SO4 F . 34.91 -8.57 -4.49
O1 SO4 F . 34.91 -7.61 -5.59
O2 SO4 F . 35.75 -9.70 -4.90
O3 SO4 F . 35.47 -7.95 -3.27
O4 SO4 F . 33.58 -9.08 -4.23
S SO4 G . 19.69 -10.45 11.41
O1 SO4 G . 19.00 -11.36 10.50
O2 SO4 G . 21.09 -10.26 11.01
O3 SO4 G . 18.98 -9.15 11.38
O4 SO4 G . 19.66 -11.03 12.76
S SO4 H . -16.38 3.26 29.72
O1 SO4 H . -17.10 3.12 28.46
O2 SO4 H . -14.91 3.17 29.58
O3 SO4 H . -16.69 4.57 30.30
O4 SO4 H . -16.85 2.19 30.59
S SO4 I . -2.66 -3.39 26.15
O1 SO4 I . -3.49 -3.95 25.07
O2 SO4 I . -1.93 -4.48 26.81
O3 SO4 I . -1.71 -2.42 25.62
O4 SO4 I . -3.52 -2.73 27.14
S SO4 J . -8.20 24.28 -22.75
O1 SO4 J . -7.95 22.98 -23.40
O2 SO4 J . -7.61 25.34 -23.56
O3 SO4 J . -7.64 24.37 -21.41
O4 SO4 J . -9.65 24.48 -22.64
S SO4 K . -20.26 6.06 13.68
O1 SO4 K . -20.55 4.62 13.74
O2 SO4 K . -19.02 6.29 12.96
O3 SO4 K . -21.37 6.75 13.00
O4 SO4 K . -20.14 6.60 15.04
S SO4 L . 2.48 29.14 -20.03
O1 SO4 L . 3.41 28.03 -20.28
O2 SO4 L . 1.13 28.82 -20.53
O3 SO4 L . 3.03 30.31 -20.73
O4 SO4 L . 2.40 29.48 -18.61
S SO4 M . -15.55 18.88 -10.40
O1 SO4 M . -16.61 19.47 -11.21
O2 SO4 M . -14.96 17.75 -11.12
O3 SO4 M . -14.52 19.90 -10.14
O4 SO4 M . -16.09 18.43 -9.12
#